data_7Y54
#
_entry.id   7Y54
#
_cell.length_a   67.395
_cell.length_b   40.728
_cell.length_c   41.482
_cell.angle_alpha   90.000
_cell.angle_beta   94.180
_cell.angle_gamma   90.000
#
_symmetry.space_group_name_H-M   'C 1 2 1'
#
loop_
_entity.id
_entity.type
_entity.pdbx_description
1 polymer 'Down Syndrome Cell Adhesion Molecules'
2 water water
#
_entity_poly.entity_id   1
_entity_poly.type   'polypeptide(L)'
_entity_poly.pdbx_seq_one_letter_code
;GSPPEIKPFYFSSSVQEGQREQVICSAITGDLPLLFSWKKDGLIVENFKDITLVTNDLFSVLVISSIKPEHIGNYTCNLE
NPFGSDVHTAALTMKVPELS
;
_entity_poly.pdbx_strand_id   A
#
# COMPACT_ATOMS: atom_id res chain seq x y z
N GLY A 1 12.58 18.16 -14.93
CA GLY A 1 11.59 17.82 -13.93
C GLY A 1 12.22 17.41 -12.61
N SER A 2 11.37 17.21 -11.60
CA SER A 2 11.82 16.87 -10.26
C SER A 2 11.49 15.41 -9.94
N PRO A 3 12.40 14.70 -9.29
CA PRO A 3 12.11 13.31 -8.91
C PRO A 3 11.09 13.25 -7.80
N PRO A 4 10.40 12.12 -7.63
CA PRO A 4 9.39 12.03 -6.57
C PRO A 4 10.00 11.70 -5.22
N GLU A 5 9.41 12.29 -4.17
CA GLU A 5 9.72 11.95 -2.79
C GLU A 5 8.45 11.36 -2.18
N ILE A 6 8.51 10.09 -1.80
CA ILE A 6 7.33 9.38 -1.30
C ILE A 6 6.95 9.89 0.09
N LYS A 7 5.66 9.94 0.36
CA LYS A 7 5.16 10.19 1.70
C LYS A 7 4.91 8.86 2.40
N PRO A 8 5.61 8.56 3.50
CA PRO A 8 5.38 7.27 4.17
C PRO A 8 3.93 7.04 4.55
N PHE A 9 3.54 5.76 4.52
CA PHE A 9 2.23 5.30 4.94
C PHE A 9 2.42 4.13 5.89
N TYR A 10 1.46 3.93 6.78
CA TYR A 10 1.57 2.88 7.77
C TYR A 10 0.21 2.27 8.05
N PHE A 11 0.21 1.00 8.42
CA PHE A 11 -1.01 0.31 8.83
C PHE A 11 -1.29 0.57 10.30
N SER A 12 -2.52 0.29 10.71
CA SER A 12 -2.92 0.46 12.09
C SER A 12 -2.10 -0.46 13.00
N SER A 13 -1.94 -0.03 14.25
CA SER A 13 -1.17 -0.79 15.23
C SER A 13 -2.00 -1.82 15.97
N SER A 14 -3.31 -1.89 15.71
CA SER A 14 -4.20 -2.86 16.35
C SER A 14 -5.12 -3.48 15.30
N VAL A 15 -4.51 -4.21 14.38
CA VAL A 15 -5.27 -4.85 13.30
C VAL A 15 -5.98 -6.08 13.85
N GLN A 16 -7.25 -6.21 13.50
CA GLN A 16 -8.06 -7.37 13.87
C GLN A 16 -8.61 -8.03 12.61
N GLU A 17 -8.57 -9.36 12.59
CA GLU A 17 -9.11 -10.12 11.47
C GLU A 17 -10.56 -9.69 11.24
N GLY A 18 -10.91 -9.51 9.97
CA GLY A 18 -12.26 -9.16 9.59
C GLY A 18 -12.51 -7.67 9.50
N GLN A 19 -11.61 -6.85 10.00
CA GLN A 19 -11.73 -5.40 9.87
C GLN A 19 -11.12 -4.99 8.53
N ARG A 20 -10.97 -3.69 8.31
CA ARG A 20 -10.47 -3.21 7.04
C ARG A 20 -9.26 -2.31 7.24
N GLU A 21 -8.48 -2.15 6.17
CA GLU A 21 -7.34 -1.27 6.15
C GLU A 21 -7.34 -0.47 4.86
N GLN A 22 -6.80 0.74 4.93
CA GLN A 22 -6.59 1.59 3.77
C GLN A 22 -5.29 2.35 3.98
N VAL A 23 -4.41 2.35 2.99
CA VAL A 23 -3.19 3.15 3.02
C VAL A 23 -3.07 3.88 1.69
N ILE A 24 -2.54 5.10 1.73
CA ILE A 24 -2.38 5.91 0.54
C ILE A 24 -0.90 6.03 0.21
N CYS A 25 -0.54 5.68 -1.00
CA CYS A 25 0.80 5.90 -1.50
C CYS A 25 0.77 7.18 -2.32
N SER A 26 1.63 8.14 -1.97
CA SER A 26 1.59 9.46 -2.56
C SER A 26 2.97 10.08 -2.42
N ALA A 27 3.15 11.23 -3.09
CA ALA A 27 4.42 11.95 -3.04
C ALA A 27 4.18 13.37 -2.56
N ILE A 28 5.18 13.91 -1.86
CA ILE A 28 5.12 15.31 -1.46
C ILE A 28 5.64 16.22 -2.55
N THR A 29 6.42 15.68 -3.49
CA THR A 29 6.94 16.44 -4.61
C THR A 29 7.22 15.47 -5.74
N GLY A 30 7.38 16.02 -6.94
CA GLY A 30 7.69 15.18 -8.10
C GLY A 30 6.64 15.40 -9.18
N ASP A 31 7.12 15.69 -10.39
CA ASP A 31 6.23 16.00 -11.49
C ASP A 31 5.27 14.86 -11.78
N LEU A 32 4.02 15.20 -12.03
CA LEU A 32 3.05 14.24 -12.55
C LEU A 32 3.32 13.99 -14.02
N PRO A 33 2.89 12.84 -14.56
CA PRO A 33 2.15 11.79 -13.85
C PRO A 33 3.05 10.86 -13.06
N LEU A 34 2.53 10.36 -11.95
CA LEU A 34 3.20 9.36 -11.14
C LEU A 34 2.63 7.99 -11.47
N LEU A 35 3.48 6.97 -11.40
CA LEU A 35 3.09 5.60 -11.61
C LEU A 35 3.34 4.82 -10.33
N PHE A 36 2.45 3.89 -10.01
CA PHE A 36 2.48 3.17 -8.75
C PHE A 36 2.46 1.67 -9.00
N SER A 37 3.27 0.94 -8.22
CA SER A 37 3.28 -0.51 -8.25
C SER A 37 3.30 -1.02 -6.81
N TRP A 38 2.38 -1.91 -6.49
CA TRP A 38 2.27 -2.47 -5.16
C TRP A 38 2.71 -3.93 -5.16
N LYS A 39 3.41 -4.33 -4.11
CA LYS A 39 3.73 -5.74 -3.89
C LYS A 39 3.53 -6.04 -2.41
N LYS A 40 3.07 -7.26 -2.13
CA LYS A 40 3.01 -7.79 -0.76
C LYS A 40 3.96 -8.98 -0.69
N ASP A 41 5.06 -8.82 0.04
CA ASP A 41 6.07 -9.87 0.14
C ASP A 41 6.45 -10.37 -1.24
N GLY A 42 6.66 -9.43 -2.17
CA GLY A 42 7.06 -9.75 -3.52
C GLY A 42 5.96 -10.23 -4.43
N LEU A 43 4.72 -10.26 -3.97
CA LEU A 43 3.60 -10.78 -4.75
C LEU A 43 2.71 -9.63 -5.23
N ILE A 44 2.04 -9.87 -6.35
CA ILE A 44 1.10 -8.89 -6.91
C ILE A 44 -0.07 -8.78 -5.95
N VAL A 45 -0.21 -7.61 -5.32
CA VAL A 45 -1.18 -7.46 -4.24
C VAL A 45 -2.60 -7.60 -4.75
N GLU A 46 -2.94 -6.94 -5.85
CA GLU A 46 -4.33 -6.80 -6.21
C GLU A 46 -5.01 -8.14 -6.45
N ASN A 47 -4.24 -9.18 -6.77
CA ASN A 47 -4.83 -10.48 -7.01
C ASN A 47 -5.25 -11.21 -5.74
N PHE A 48 -5.04 -10.62 -4.56
CA PHE A 48 -5.73 -11.06 -3.36
C PHE A 48 -7.22 -10.69 -3.48
N LYS A 49 -8.09 -11.64 -3.13
CA LYS A 49 -9.52 -11.41 -3.27
C LYS A 49 -9.95 -10.10 -2.62
N ASP A 50 -9.46 -9.84 -1.42
CA ASP A 50 -9.97 -8.76 -0.59
C ASP A 50 -9.11 -7.50 -0.67
N ILE A 51 -8.21 -7.41 -1.64
CA ILE A 51 -7.39 -6.22 -1.84
C ILE A 51 -7.82 -5.56 -3.15
N THR A 52 -8.13 -4.26 -3.07
CA THR A 52 -8.47 -3.46 -4.23
C THR A 52 -7.55 -2.24 -4.27
N LEU A 53 -7.12 -1.85 -5.46
CA LEU A 53 -6.31 -0.67 -5.65
C LEU A 53 -7.13 0.42 -6.32
N VAL A 54 -6.97 1.65 -5.82
CA VAL A 54 -7.60 2.84 -6.38
C VAL A 54 -6.45 3.75 -6.79
N THR A 55 -6.19 3.85 -8.10
CA THR A 55 -4.98 4.48 -8.59
C THR A 55 -5.28 5.53 -9.64
N ASN A 56 -4.60 6.67 -9.51
CA ASN A 56 -4.69 7.73 -10.48
C ASN A 56 -3.29 8.30 -10.68
N ASP A 57 -3.19 9.40 -11.42
CA ASP A 57 -1.86 9.94 -11.71
C ASP A 57 -1.24 10.65 -10.50
N LEU A 58 -1.97 10.80 -9.41
CA LEU A 58 -1.48 11.50 -8.23
C LEU A 58 -1.22 10.59 -7.05
N PHE A 59 -2.11 9.64 -6.76
CA PHE A 59 -1.91 8.76 -5.62
C PHE A 59 -2.54 7.41 -5.92
N SER A 60 -2.19 6.41 -5.10
CA SER A 60 -2.76 5.08 -5.17
C SER A 60 -3.15 4.64 -3.76
N VAL A 61 -4.40 4.24 -3.58
CA VAL A 61 -4.89 3.77 -2.30
C VAL A 61 -5.01 2.26 -2.38
N LEU A 62 -4.42 1.57 -1.41
CA LEU A 62 -4.56 0.12 -1.28
C LEU A 62 -5.61 -0.13 -0.21
N VAL A 63 -6.63 -0.89 -0.58
CA VAL A 63 -7.76 -1.20 0.29
C VAL A 63 -7.75 -2.69 0.58
N ILE A 64 -7.76 -3.05 1.86
CA ILE A 64 -8.00 -4.42 2.30
C ILE A 64 -9.38 -4.42 2.93
N SER A 65 -10.35 -5.02 2.24
CA SER A 65 -11.75 -4.88 2.65
C SER A 65 -12.11 -5.81 3.80
N SER A 66 -11.39 -6.92 3.93
CA SER A 66 -11.60 -7.85 5.05
C SER A 66 -10.24 -8.47 5.36
N ILE A 67 -9.65 -8.07 6.48
CA ILE A 67 -8.30 -8.54 6.82
C ILE A 67 -8.34 -10.02 7.21
N LYS A 68 -7.43 -10.78 6.65
CA LYS A 68 -7.25 -12.21 6.91
C LYS A 68 -5.79 -12.45 7.19
N PRO A 69 -5.46 -13.59 7.81
CA PRO A 69 -4.04 -13.85 8.11
C PRO A 69 -3.16 -13.83 6.86
N GLU A 70 -3.71 -14.17 5.69
CA GLU A 70 -2.92 -14.14 4.47
C GLU A 70 -2.40 -12.75 4.15
N HIS A 71 -3.04 -11.70 4.67
CA HIS A 71 -2.63 -10.33 4.43
C HIS A 71 -1.51 -9.86 5.33
N ILE A 72 -1.12 -10.65 6.33
CA ILE A 72 0.00 -10.28 7.18
C ILE A 72 1.26 -10.25 6.33
N GLY A 73 2.04 -9.19 6.49
CA GLY A 73 3.32 -9.11 5.78
C GLY A 73 3.68 -7.67 5.43
N ASN A 74 4.63 -7.54 4.50
CA ASN A 74 5.19 -6.25 4.13
C ASN A 74 4.59 -5.80 2.80
N TYR A 75 4.07 -4.58 2.78
CA TYR A 75 3.48 -3.98 1.58
C TYR A 75 4.41 -2.89 1.09
N THR A 76 4.88 -3.02 -0.14
CA THR A 76 5.79 -2.05 -0.74
C THR A 76 5.08 -1.31 -1.85
N CYS A 77 5.15 0.01 -1.82
CA CYS A 77 4.71 0.84 -2.91
C CYS A 77 5.95 1.41 -3.60
N ASN A 78 6.12 1.09 -4.88
CA ASN A 78 7.13 1.71 -5.72
C ASN A 78 6.44 2.77 -6.55
N LEU A 79 7.02 3.98 -6.54
CA LEU A 79 6.49 5.17 -7.19
C LEU A 79 7.57 5.73 -8.11
N GLU A 80 7.17 6.12 -9.32
CA GLU A 80 8.13 6.69 -10.25
C GLU A 80 7.46 7.73 -11.13
N ASN A 81 8.28 8.57 -11.70
CA ASN A 81 7.85 9.54 -12.72
C ASN A 81 9.00 9.61 -13.72
N PRO A 82 8.92 10.44 -14.77
CA PRO A 82 10.00 10.48 -15.75
C PRO A 82 11.35 10.92 -15.20
N PHE A 83 11.42 11.32 -13.92
CA PHE A 83 12.62 11.94 -13.40
C PHE A 83 13.23 11.26 -12.19
N GLY A 84 12.61 10.20 -11.68
CA GLY A 84 13.16 9.49 -10.55
C GLY A 84 12.18 8.46 -10.02
N SER A 85 12.57 7.86 -8.89
CA SER A 85 11.71 6.88 -8.25
C SER A 85 11.92 6.94 -6.75
N ASP A 86 10.96 6.39 -6.02
CA ASP A 86 11.04 6.28 -4.57
C ASP A 86 10.25 5.04 -4.17
N VAL A 87 10.40 4.64 -2.91
CA VAL A 87 9.81 3.41 -2.43
C VAL A 87 9.57 3.52 -0.94
N HIS A 88 8.51 2.87 -0.47
CA HIS A 88 8.23 2.75 0.95
C HIS A 88 7.58 1.41 1.23
N THR A 89 7.97 0.80 2.34
CA THR A 89 7.42 -0.48 2.78
C THR A 89 6.78 -0.31 4.15
N ALA A 90 5.58 -0.85 4.31
CA ALA A 90 4.87 -0.85 5.58
C ALA A 90 4.46 -2.28 5.92
N ALA A 91 4.62 -2.64 7.18
CA ALA A 91 4.30 -3.98 7.65
C ALA A 91 2.90 -4.00 8.25
N LEU A 92 2.10 -5.01 7.87
CA LEU A 92 0.80 -5.26 8.46
C LEU A 92 0.96 -6.41 9.46
N THR A 93 0.64 -6.14 10.73
CA THR A 93 0.72 -7.10 11.82
C THR A 93 -0.69 -7.30 12.37
N MET A 94 -1.06 -8.55 12.64
CA MET A 94 -2.37 -8.86 13.18
C MET A 94 -2.30 -9.00 14.70
N LYS A 95 -3.12 -8.23 15.40
CA LYS A 95 -3.17 -8.27 16.86
C LYS A 95 -4.23 -9.24 17.38
N VAL A 96 -5.35 -9.35 16.69
CA VAL A 96 -6.43 -10.24 17.11
C VAL A 96 -6.94 -11.02 15.90
N PRO A 97 -6.90 -12.35 15.92
CA PRO A 97 -7.46 -13.12 14.81
C PRO A 97 -8.93 -13.44 15.02
N GLU A 98 -9.50 -14.22 14.11
CA GLU A 98 -10.84 -14.74 14.32
C GLU A 98 -10.84 -15.63 15.54
N LEU A 99 -11.73 -15.33 16.50
CA LEU A 99 -11.80 -16.09 17.74
C LEU A 99 -13.11 -16.82 17.95
N SER A 100 -14.22 -16.32 17.41
CA SER A 100 -15.50 -16.99 17.52
C SER A 100 -16.01 -17.41 16.16
#